data_4A50
#
_entry.id   4A50
#
_cell.length_a   158.540
_cell.length_b   158.540
_cell.length_c   158.540
_cell.angle_alpha   90.00
_cell.angle_beta   90.00
_cell.angle_gamma   90.00
#
_symmetry.space_group_name_H-M   'I 21 3'
#
loop_
_entity.id
_entity.type
_entity.pdbx_description
1 polymer 'KINESIN-LIKE PROTEIN KIF11'
2 non-polymer "ADENOSINE-5'-DIPHOSPHATE"
3 non-polymer 'MAGNESIUM ION'
4 non-polymer '(2S)-2-AMINO-5-(3-METHYLPHENYL)-5,5-DIPHENYLPROPANOIC ACID'
5 non-polymer '(2R)-2-AMINO-5-(3-METHYLPHENYL)-5,5-DIPHENYLPROPANOIC ACID'
6 water water
#
_entity_poly.entity_id   1
_entity_poly.type   'polypeptide(L)'
_entity_poly.pdbx_seq_one_letter_code
;MASQPNSSAKKKEEKGKNIQVVVRCRPFNLAERKASAHSIVECDPVRKEVSVRTGGLADKSSRKTYTFDMVFGASTKQID
VYRSVVCPILDEVIMGYNCTIFAYGQTGTGKTFTMEGERSPNEEYTWEEDPLAGIIPRTLHQIFEKLTDNGTEFSVKVSL
LEIYNEELFDLLNPSSDVSERLQMFDDPRNKRGVIIKGLEEITVHNKDEVYQILEKGAAKRTTAATLMNAYSSRSHSVFS
VTIHMKETTIDGEELVKIGKLNLVDLAGSENIGRSGAVDKRAREAGNINQSLLTLGRVITALVERTPHVPYRESKLTRIL
QDSLGGRTRTSIIATISPASLNLEETLSTLEYAHRAKNILNKPEVNQK
;
_entity_poly.pdbx_strand_id   A
#
# COMPACT_ATOMS: atom_id res chain seq x y z
N LYS A 17 3.89 15.03 -12.40
CA LYS A 17 3.59 13.76 -13.14
C LYS A 17 4.08 12.53 -12.36
N ASN A 18 5.40 12.30 -12.37
CA ASN A 18 6.05 11.13 -11.78
C ASN A 18 5.54 10.56 -10.45
N ILE A 19 5.43 9.24 -10.37
CA ILE A 19 5.09 8.66 -9.10
C ILE A 19 6.15 8.73 -8.02
N GLN A 20 5.74 8.94 -6.78
CA GLN A 20 6.69 9.15 -5.70
C GLN A 20 7.09 7.80 -5.15
N VAL A 21 8.38 7.56 -4.95
CA VAL A 21 8.85 6.26 -4.48
C VAL A 21 9.75 6.48 -3.29
N VAL A 22 9.52 5.71 -2.22
CA VAL A 22 10.30 5.90 -0.98
C VAL A 22 10.73 4.54 -0.44
N VAL A 23 11.69 4.53 0.46
CA VAL A 23 12.23 3.26 0.89
C VAL A 23 12.22 3.21 2.40
N ARG A 24 11.79 2.08 2.95
CA ARG A 24 11.85 1.89 4.38
C ARG A 24 12.68 0.66 4.66
N CYS A 25 13.61 0.78 5.60
CA CYS A 25 14.37 -0.39 5.98
C CYS A 25 13.99 -0.70 7.41
N ARG A 26 13.74 -1.96 7.71
CA ARG A 26 13.31 -2.39 9.02
C ARG A 26 14.53 -2.67 9.86
N PRO A 27 14.40 -2.57 11.20
CA PRO A 27 15.44 -2.96 12.14
C PRO A 27 15.73 -4.43 12.05
N PHE A 28 16.84 -4.88 12.64
CA PHE A 28 17.12 -6.31 12.76
C PHE A 28 16.02 -6.95 13.54
N ASN A 29 15.76 -8.24 13.32
CA ASN A 29 14.88 -8.99 14.19
C ASN A 29 15.73 -9.90 15.06
N LEU A 30 15.09 -10.64 15.97
CA LEU A 30 15.82 -11.46 16.93
C LEU A 30 16.57 -12.64 16.29
N ALA A 31 16.03 -13.23 15.23
CA ALA A 31 16.70 -14.35 14.62
C ALA A 31 18.05 -13.88 14.07
N GLU A 32 17.99 -12.73 13.38
CA GLU A 32 19.13 -12.08 12.76
C GLU A 32 20.19 -11.70 13.78
N ARG A 33 19.77 -11.16 14.92
CA ARG A 33 20.72 -10.87 16.01
C ARG A 33 21.27 -12.18 16.56
N LYS A 34 20.43 -13.20 16.64
CA LYS A 34 20.92 -14.47 17.12
C LYS A 34 21.99 -15.05 16.19
N ALA A 35 21.96 -14.71 14.90
CA ALA A 35 22.86 -15.31 13.91
C ALA A 35 24.08 -14.44 13.61
N SER A 36 24.25 -13.40 14.42
CA SER A 36 25.28 -12.36 14.25
C SER A 36 25.20 -11.66 12.90
N ALA A 37 23.99 -11.40 12.44
CA ALA A 37 23.86 -10.76 11.14
C ALA A 37 24.66 -9.44 11.07
N HIS A 38 25.36 -9.15 9.97
CA HIS A 38 25.90 -7.82 9.76
C HIS A 38 24.95 -6.99 8.94
N SER A 39 25.07 -5.67 9.04
CA SER A 39 24.28 -4.81 8.20
C SER A 39 25.01 -4.56 6.89
N ILE A 40 24.24 -4.28 5.85
CA ILE A 40 24.78 -3.90 4.54
C ILE A 40 23.99 -2.73 4.03
N VAL A 41 23.10 -2.16 4.85
CA VAL A 41 22.35 -0.99 4.39
C VAL A 41 22.70 0.25 5.18
N GLU A 42 22.83 1.36 4.44
CA GLU A 42 22.97 2.68 5.01
C GLU A 42 21.95 3.60 4.39
N CYS A 43 21.08 4.18 5.22
CA CYS A 43 20.16 5.21 4.73
C CYS A 43 20.63 6.61 5.10
N ASP A 44 20.48 7.57 4.18
CA ASP A 44 20.79 8.97 4.44
C ASP A 44 19.54 9.80 4.12
N PRO A 45 18.71 10.09 5.13
CA PRO A 45 17.43 10.76 4.89
C PRO A 45 17.59 12.08 4.20
N VAL A 46 18.66 12.81 4.52
CA VAL A 46 18.90 14.14 3.97
C VAL A 46 19.32 14.06 2.50
N ARG A 47 20.36 13.31 2.14
CA ARG A 47 20.70 13.15 0.71
C ARG A 47 19.64 12.30 -0.04
N LYS A 48 18.81 11.58 0.73
CA LYS A 48 17.73 10.73 0.21
C LYS A 48 18.29 9.50 -0.51
N GLU A 49 19.30 8.89 0.07
CA GLU A 49 19.99 7.82 -0.63
C GLU A 49 19.93 6.61 0.22
N VAL A 50 19.78 5.46 -0.41
CA VAL A 50 20.12 4.18 0.19
C VAL A 50 21.40 3.69 -0.45
N SER A 51 22.20 2.99 0.34
CA SER A 51 23.49 2.57 -0.12
C SER A 51 23.74 1.19 0.42
N VAL A 52 23.94 0.25 -0.51
CA VAL A 52 24.15 -1.15 -0.17
C VAL A 52 25.62 -1.60 -0.34
N ARG A 53 26.12 -2.22 0.72
CA ARG A 53 27.45 -2.79 0.74
C ARG A 53 27.37 -4.17 0.05
N THR A 54 28.04 -4.30 -1.10
CA THR A 54 27.81 -5.42 -2.01
C THR A 54 28.94 -6.47 -2.15
N GLY A 55 30.12 -6.17 -1.61
CA GLY A 55 31.32 -6.95 -1.88
C GLY A 55 31.69 -7.92 -0.78
N GLY A 56 30.85 -8.10 0.21
CA GLY A 56 31.12 -9.13 1.19
C GLY A 56 32.57 -9.13 1.65
N LEU A 57 33.18 -10.31 1.73
CA LEU A 57 34.51 -10.44 2.32
C LEU A 57 35.57 -10.12 1.30
N ALA A 58 35.18 -9.97 0.04
CA ALA A 58 36.16 -9.89 -1.02
C ALA A 58 36.56 -8.46 -1.30
N ASP A 59 35.57 -7.55 -1.32
CA ASP A 59 35.81 -6.14 -1.61
C ASP A 59 35.07 -5.26 -0.61
N LYS A 60 35.78 -4.78 0.41
CA LYS A 60 35.16 -3.97 1.46
C LYS A 60 34.58 -2.63 0.99
N SER A 61 34.99 -2.16 -0.19
CA SER A 61 34.68 -0.80 -0.55
C SER A 61 33.45 -0.74 -1.40
N SER A 62 33.17 -1.84 -2.10
CA SER A 62 32.08 -1.86 -3.04
C SER A 62 30.75 -1.43 -2.48
N ARG A 63 30.03 -0.66 -3.28
CA ARG A 63 28.68 -0.20 -2.96
C ARG A 63 27.79 -0.08 -4.17
N LYS A 64 26.50 -0.21 -3.90
CA LYS A 64 25.52 0.35 -4.78
C LYS A 64 24.62 1.33 -4.04
N THR A 65 24.39 2.45 -4.71
CA THR A 65 23.75 3.61 -4.13
C THR A 65 22.65 4.09 -5.05
N TYR A 66 21.50 4.41 -4.46
CA TYR A 66 20.32 4.78 -5.22
C TYR A 66 19.69 5.97 -4.56
N THR A 67 19.13 6.86 -5.38
CA THR A 67 18.37 8.00 -4.89
C THR A 67 16.85 7.85 -5.02
N PHE A 68 16.13 8.10 -3.93
CA PHE A 68 14.67 8.05 -3.91
C PHE A 68 14.02 9.36 -3.47
N ASP A 69 12.72 9.48 -3.62
CA ASP A 69 12.01 10.65 -3.13
C ASP A 69 12.15 10.83 -1.61
N MET A 70 12.04 9.75 -0.84
CA MET A 70 12.37 9.81 0.59
C MET A 70 12.97 8.51 1.09
N VAL A 71 13.63 8.55 2.24
CA VAL A 71 14.27 7.34 2.72
C VAL A 71 14.05 7.27 4.23
N PHE A 72 13.88 6.07 4.77
CA PHE A 72 13.62 5.86 6.20
C PHE A 72 14.44 4.71 6.73
N GLY A 73 15.32 4.98 7.68
CA GLY A 73 16.29 3.98 8.07
C GLY A 73 15.64 3.11 9.12
N ALA A 74 16.42 2.20 9.70
CA ALA A 74 15.91 1.23 10.65
C ALA A 74 15.29 1.83 11.90
N SER A 75 15.44 3.13 12.11
CA SER A 75 14.98 3.68 13.40
C SER A 75 13.66 4.43 13.23
N THR A 76 13.29 4.65 11.97
CA THR A 76 12.04 5.33 11.62
C THR A 76 10.86 4.70 12.34
N LYS A 77 9.93 5.53 12.81
CA LYS A 77 8.74 5.02 13.48
C LYS A 77 7.48 5.28 12.69
N GLN A 78 6.45 4.51 13.02
CA GLN A 78 5.18 4.52 12.30
C GLN A 78 4.58 5.91 12.18
N ILE A 79 4.67 6.67 13.26
CA ILE A 79 4.26 8.07 13.20
C ILE A 79 5.03 8.87 12.13
N ASP A 80 6.34 8.60 12.02
CA ASP A 80 7.21 9.27 11.06
C ASP A 80 6.77 9.02 9.61
N VAL A 81 6.46 7.74 9.33
CA VAL A 81 6.14 7.33 7.99
C VAL A 81 4.87 8.07 7.63
N TYR A 82 3.96 8.05 8.59
CA TYR A 82 2.64 8.63 8.39
C TYR A 82 2.76 10.12 8.15
N ARG A 83 3.47 10.81 9.04
CA ARG A 83 3.65 12.26 8.90
C ARG A 83 4.27 12.59 7.56
N SER A 84 5.38 11.95 7.20
CA SER A 84 6.10 12.33 5.97
C SER A 84 5.46 11.89 4.66
N VAL A 85 4.87 10.69 4.65
CA VAL A 85 4.28 10.16 3.40
C VAL A 85 2.80 10.40 3.23
N VAL A 86 2.03 10.14 4.27
CA VAL A 86 0.57 10.08 4.14
C VAL A 86 -0.22 11.40 4.26
N CYS A 87 0.14 12.24 5.23
CA CYS A 87 -0.47 13.57 5.35
C CYS A 87 -0.50 14.31 4.03
N PRO A 88 0.65 14.38 3.33
CA PRO A 88 0.53 14.96 2.00
C PRO A 88 -0.54 14.28 1.14
N ILE A 89 -0.56 12.94 1.05
CA ILE A 89 -1.53 12.29 0.16
C ILE A 89 -2.97 12.51 0.63
N LEU A 90 -3.16 12.38 1.94
CA LEU A 90 -4.47 12.58 2.55
C LEU A 90 -5.13 13.91 2.11
N ASP A 91 -4.37 15.01 2.22
CA ASP A 91 -4.82 16.30 1.72
C ASP A 91 -5.34 16.22 0.29
N GLU A 92 -4.59 15.64 -0.62
CA GLU A 92 -5.09 15.56 -1.99
C GLU A 92 -6.33 14.69 -2.12
N VAL A 93 -6.55 13.77 -1.19
CA VAL A 93 -7.75 12.93 -1.28
C VAL A 93 -8.93 13.82 -0.90
N ILE A 94 -8.70 14.66 0.09
CA ILE A 94 -9.65 15.61 0.61
C ILE A 94 -9.96 16.72 -0.39
N MET A 95 -9.02 17.07 -1.26
CA MET A 95 -9.37 17.94 -2.37
C MET A 95 -9.99 17.17 -3.53
N GLY A 96 -10.40 15.92 -3.29
CA GLY A 96 -11.07 15.13 -4.31
C GLY A 96 -10.24 14.47 -5.39
N TYR A 97 -8.99 14.09 -5.07
CA TYR A 97 -8.24 13.18 -5.95
C TYR A 97 -8.42 11.69 -5.63
N ASN A 98 -8.02 10.83 -6.55
CA ASN A 98 -7.77 9.44 -6.20
C ASN A 98 -6.29 9.22 -5.93
N CYS A 99 -5.99 8.59 -4.80
CA CYS A 99 -4.61 8.23 -4.51
C CYS A 99 -4.45 6.77 -4.22
N THR A 100 -3.24 6.29 -4.47
CA THR A 100 -2.90 4.94 -4.12
C THR A 100 -1.56 4.96 -3.47
N ILE A 101 -1.48 4.41 -2.27
CA ILE A 101 -0.19 3.99 -1.80
C ILE A 101 -0.04 2.47 -1.82
N PHE A 102 1.08 1.98 -2.35
CA PHE A 102 1.37 0.57 -2.07
C PHE A 102 2.76 0.15 -1.70
N ALA A 103 2.81 -1.04 -1.12
CA ALA A 103 4.02 -1.61 -0.52
C ALA A 103 4.62 -2.74 -1.37
N TYR A 104 5.93 -2.68 -1.60
CA TYR A 104 6.59 -3.64 -2.45
C TYR A 104 7.83 -4.10 -1.74
N GLY A 105 8.09 -5.40 -1.74
CA GLY A 105 9.25 -5.92 -1.02
C GLY A 105 9.20 -7.40 -0.73
N GLN A 106 10.33 -7.94 -0.33
CA GLN A 106 10.32 -9.37 -0.07
C GLN A 106 9.61 -9.67 1.23
N THR A 107 9.04 -10.87 1.30
CA THR A 107 8.31 -11.31 2.49
C THR A 107 9.21 -11.11 3.66
N GLY A 108 8.67 -10.64 4.78
CA GLY A 108 9.47 -10.46 6.01
C GLY A 108 10.08 -9.08 6.20
N THR A 109 9.85 -8.14 5.29
CA THR A 109 10.52 -6.86 5.40
C THR A 109 9.66 -5.65 5.81
N GLY A 110 8.36 -5.84 6.03
CA GLY A 110 7.51 -4.84 6.67
C GLY A 110 6.47 -4.20 5.79
N LYS A 111 5.97 -4.93 4.78
CA LYS A 111 4.82 -4.40 4.03
C LYS A 111 3.56 -4.31 4.92
N THR A 112 3.32 -5.36 5.69
CA THR A 112 2.09 -5.40 6.45
C THR A 112 2.25 -4.49 7.66
N PHE A 113 3.43 -4.50 8.25
CA PHE A 113 3.72 -3.60 9.33
C PHE A 113 3.52 -2.16 8.89
N THR A 114 3.84 -1.84 7.65
CA THR A 114 3.85 -0.44 7.24
C THR A 114 2.41 -0.02 6.98
N MET A 115 1.68 -0.89 6.29
CA MET A 115 0.34 -0.58 5.79
C MET A 115 -0.72 -0.73 6.88
N GLU A 116 -0.56 -1.71 7.76
CA GLU A 116 -1.58 -1.97 8.75
C GLU A 116 -0.99 -1.70 10.10
N GLY A 117 0.18 -2.27 10.32
CA GLY A 117 0.77 -2.14 11.62
C GLY A 117 0.27 -3.31 12.42
N GLU A 118 0.53 -3.21 13.72
CA GLU A 118 0.26 -4.30 14.65
C GLU A 118 -0.29 -3.75 15.97
N ARG A 119 -0.82 -4.62 16.81
CA ARG A 119 -1.33 -4.19 18.10
C ARG A 119 -0.29 -4.45 19.18
N SER A 120 0.01 -3.43 19.97
CA SER A 120 0.96 -3.55 21.09
C SER A 120 0.47 -4.54 22.15
N PRO A 121 1.39 -5.39 22.67
CA PRO A 121 0.97 -6.49 23.55
C PRO A 121 0.31 -6.03 24.87
N ASN A 122 -0.64 -6.84 25.35
CA ASN A 122 -1.38 -6.61 26.62
C ASN A 122 -2.32 -5.40 26.62
N GLU A 123 -2.99 -5.14 25.51
CA GLU A 123 -3.93 -4.00 25.39
C GLU A 123 -3.36 -2.83 26.24
N GLU A 124 -2.05 -2.65 26.12
CA GLU A 124 -1.34 -1.56 26.77
C GLU A 124 -1.80 -0.20 26.21
N TYR A 125 -2.40 -0.21 25.01
CA TYR A 125 -2.77 1.03 24.33
C TYR A 125 -4.19 0.95 23.74
N THR A 126 -4.83 2.11 23.65
CA THR A 126 -6.02 2.29 22.81
C THR A 126 -5.56 2.12 21.36
N TRP A 127 -6.44 1.69 20.46
CA TRP A 127 -6.00 1.57 19.07
C TRP A 127 -5.61 2.90 18.38
N GLU A 128 -6.31 3.99 18.65
CA GLU A 128 -5.85 5.30 18.14
C GLU A 128 -4.49 5.73 18.68
N GLU A 129 -4.04 5.16 19.79
CA GLU A 129 -2.84 5.72 20.38
C GLU A 129 -1.65 4.76 20.31
N ASP A 130 -1.86 3.62 19.64
CA ASP A 130 -0.84 2.57 19.49
C ASP A 130 0.29 3.04 18.59
N PRO A 131 1.51 3.08 19.12
CA PRO A 131 2.69 3.43 18.34
C PRO A 131 3.01 2.40 17.24
N LEU A 132 2.47 1.19 17.36
CA LEU A 132 2.61 0.22 16.28
C LEU A 132 1.51 0.33 15.19
N ALA A 133 0.58 1.26 15.31
CA ALA A 133 -0.43 1.31 14.25
C ALA A 133 0.16 1.76 12.92
N GLY A 134 -0.27 1.11 11.83
CA GLY A 134 0.25 1.38 10.51
C GLY A 134 -0.55 2.46 9.81
N ILE A 135 -0.39 2.55 8.50
CA ILE A 135 -1.02 3.62 7.76
C ILE A 135 -2.55 3.54 7.79
N ILE A 136 -3.12 2.35 7.67
CA ILE A 136 -4.57 2.23 7.50
C ILE A 136 -5.36 2.73 8.71
N PRO A 137 -5.05 2.18 9.90
CA PRO A 137 -5.69 2.69 11.11
C PRO A 137 -5.47 4.19 11.33
N ARG A 138 -4.22 4.66 11.26
CA ARG A 138 -3.93 6.07 11.47
C ARG A 138 -4.73 6.93 10.52
N THR A 139 -5.06 6.40 9.36
CA THR A 139 -5.58 7.27 8.32
C THR A 139 -7.04 7.44 8.61
N LEU A 140 -7.68 6.36 9.03
CA LEU A 140 -9.11 6.38 9.26
C LEU A 140 -9.41 7.33 10.43
N HIS A 141 -8.65 7.21 11.52
CA HIS A 141 -8.67 8.18 12.59
C HIS A 141 -8.49 9.59 12.04
N GLN A 142 -7.43 9.80 11.30
CA GLN A 142 -7.13 11.15 10.87
C GLN A 142 -8.27 11.75 10.06
N ILE A 143 -9.05 10.90 9.41
CA ILE A 143 -10.05 11.41 8.49
C ILE A 143 -11.19 12.02 9.27
N PHE A 144 -11.42 11.49 10.47
CA PHE A 144 -12.46 12.04 11.31
C PHE A 144 -12.06 13.38 11.99
N GLU A 145 -10.81 13.54 12.42
CA GLU A 145 -10.30 14.87 12.77
C GLU A 145 -10.36 15.93 11.69
N LYS A 146 -9.57 15.77 10.63
CA LYS A 146 -9.47 16.82 9.61
C LYS A 146 -10.87 17.25 9.18
N LEU A 147 -11.84 16.33 9.20
CA LEU A 147 -13.13 16.60 8.60
C LEU A 147 -14.29 17.04 9.51
N THR A 148 -14.30 16.64 10.77
CA THR A 148 -15.32 17.12 11.69
C THR A 148 -15.17 18.62 12.00
N ASP A 149 -13.96 19.06 12.35
CA ASP A 149 -13.67 20.50 12.49
C ASP A 149 -13.41 21.14 11.13
N ASN A 150 -14.45 21.80 10.63
CA ASN A 150 -14.72 21.96 9.20
C ASN A 150 -16.23 21.90 9.00
N GLY A 151 -16.94 21.30 9.95
CA GLY A 151 -18.31 20.90 9.69
C GLY A 151 -18.28 20.09 8.39
N THR A 152 -18.46 20.78 7.27
CA THR A 152 -18.61 20.18 5.92
C THR A 152 -19.08 18.73 5.95
N GLU A 153 -20.40 18.54 5.90
CA GLU A 153 -20.97 17.21 5.84
C GLU A 153 -20.18 16.32 4.85
N PHE A 154 -19.89 15.10 5.31
CA PHE A 154 -19.07 14.12 4.59
C PHE A 154 -19.46 12.69 4.97
N SER A 155 -19.41 11.76 4.03
CA SER A 155 -19.50 10.33 4.37
C SER A 155 -18.24 9.56 3.96
N VAL A 156 -17.95 8.50 4.71
CA VAL A 156 -16.79 7.64 4.52
C VAL A 156 -17.20 6.18 4.34
N LYS A 157 -16.88 5.56 3.21
CA LYS A 157 -17.03 4.10 3.10
C LYS A 157 -15.76 3.32 2.76
N VAL A 158 -15.49 2.25 3.52
CA VAL A 158 -14.32 1.41 3.34
C VAL A 158 -14.62 0.05 2.71
N SER A 159 -13.59 -0.59 2.18
CA SER A 159 -13.71 -1.87 1.55
C SER A 159 -12.37 -2.59 1.72
N LEU A 160 -12.38 -3.91 1.67
CA LEU A 160 -11.14 -4.67 1.85
C LEU A 160 -11.17 -6.01 1.13
N LEU A 161 -10.51 -6.11 -0.01
CA LEU A 161 -10.47 -7.39 -0.68
C LEU A 161 -9.05 -7.98 -0.74
N GLU A 162 -8.95 -9.27 -1.04
CA GLU A 162 -7.63 -9.87 -1.22
C GLU A 162 -7.61 -10.60 -2.52
N ILE A 163 -6.47 -10.56 -3.22
CA ILE A 163 -6.33 -11.36 -4.43
C ILE A 163 -5.43 -12.48 -4.05
N TYR A 164 -5.86 -13.68 -4.39
CA TYR A 164 -5.04 -14.86 -4.19
C TYR A 164 -5.27 -15.85 -5.32
N ASN A 165 -4.20 -16.20 -6.02
CA ASN A 165 -4.24 -17.13 -7.12
C ASN A 165 -5.25 -16.62 -8.12
N GLU A 166 -5.39 -15.30 -8.25
CA GLU A 166 -6.27 -14.67 -9.26
C GLU A 166 -7.80 -14.79 -8.96
N GLU A 167 -8.08 -15.18 -7.72
CA GLU A 167 -9.40 -15.18 -7.18
C GLU A 167 -9.50 -14.02 -6.22
N LEU A 168 -10.72 -13.52 -6.03
CA LEU A 168 -10.93 -12.33 -5.22
C LEU A 168 -11.75 -12.68 -3.99
N PHE A 169 -11.32 -12.21 -2.83
CA PHE A 169 -11.99 -12.51 -1.58
C PHE A 169 -12.37 -11.25 -0.82
N ASP A 170 -13.55 -11.27 -0.20
CA ASP A 170 -14.09 -10.06 0.47
C ASP A 170 -14.00 -10.20 1.97
N LEU A 171 -13.02 -9.53 2.56
CA LEU A 171 -12.79 -9.65 3.98
C LEU A 171 -13.83 -8.97 4.90
N LEU A 172 -14.70 -8.13 4.33
CA LEU A 172 -15.63 -7.35 5.12
C LEU A 172 -17.08 -7.77 4.87
N ASN A 173 -17.26 -8.83 4.09
CA ASN A 173 -18.60 -9.30 3.77
C ASN A 173 -19.27 -9.93 5.00
N PRO A 174 -20.58 -9.68 5.16
CA PRO A 174 -21.41 -10.35 6.20
C PRO A 174 -21.41 -11.87 6.06
N SER A 175 -21.31 -12.37 4.82
CA SER A 175 -21.12 -13.81 4.58
C SER A 175 -20.07 -14.45 5.45
N SER A 176 -20.36 -15.63 5.96
CA SER A 176 -19.55 -16.14 7.06
C SER A 176 -18.39 -16.98 6.51
N ASP A 177 -18.47 -17.33 5.22
CA ASP A 177 -17.43 -18.12 4.58
C ASP A 177 -16.53 -17.24 3.70
N VAL A 178 -15.26 -17.09 4.09
CA VAL A 178 -14.29 -16.26 3.31
C VAL A 178 -14.11 -16.73 1.88
N SER A 179 -14.34 -18.00 1.65
CA SER A 179 -14.03 -18.57 0.36
C SER A 179 -14.95 -18.10 -0.75
N GLU A 180 -16.03 -17.38 -0.45
CA GLU A 180 -17.00 -16.97 -1.49
C GLU A 180 -16.41 -15.87 -2.36
N ARG A 181 -16.44 -16.04 -3.69
CA ARG A 181 -15.66 -15.17 -4.59
C ARG A 181 -16.39 -13.99 -5.24
N LEU A 182 -15.71 -12.84 -5.23
CA LEU A 182 -16.05 -11.68 -6.03
C LEU A 182 -15.77 -11.92 -7.50
N GLN A 183 -16.26 -11.03 -8.35
CA GLN A 183 -15.95 -11.01 -9.77
C GLN A 183 -15.70 -9.56 -10.20
N MET A 184 -14.88 -9.33 -11.24
CA MET A 184 -14.74 -7.96 -11.75
C MET A 184 -15.20 -7.76 -13.19
N PHE A 185 -15.58 -6.52 -13.47
CA PHE A 185 -16.04 -6.09 -14.79
C PHE A 185 -15.57 -4.67 -15.06
N ASP A 186 -15.40 -4.35 -16.34
CA ASP A 186 -15.12 -2.98 -16.75
C ASP A 186 -16.19 -1.98 -16.34
N ASP A 187 -15.75 -0.90 -15.67
CA ASP A 187 -16.61 0.25 -15.40
C ASP A 187 -16.95 0.94 -16.72
N PRO A 188 -18.25 1.03 -17.05
CA PRO A 188 -18.54 1.80 -18.27
C PRO A 188 -18.56 3.31 -17.98
N ARG A 189 -18.63 3.69 -16.71
CA ARG A 189 -18.55 5.09 -16.33
C ARG A 189 -17.12 5.57 -16.06
N ASN A 190 -16.13 4.78 -16.45
CA ASN A 190 -14.72 5.17 -16.31
C ASN A 190 -13.85 4.21 -17.14
N LYS A 191 -13.22 4.71 -18.20
CA LYS A 191 -12.46 3.85 -19.12
C LYS A 191 -11.21 3.17 -18.51
N ARG A 192 -10.77 3.62 -17.34
CA ARG A 192 -9.58 3.04 -16.67
C ARG A 192 -9.84 2.31 -15.33
N GLY A 193 -11.10 2.07 -14.99
CA GLY A 193 -11.43 1.48 -13.68
C GLY A 193 -12.28 0.22 -13.72
N VAL A 194 -12.36 -0.47 -12.59
CA VAL A 194 -13.13 -1.71 -12.55
C VAL A 194 -14.25 -1.66 -11.51
N ILE A 195 -15.32 -2.40 -11.77
CA ILE A 195 -16.34 -2.67 -10.76
C ILE A 195 -16.17 -4.09 -10.25
N ILE A 196 -16.10 -4.19 -8.94
CA ILE A 196 -15.99 -5.48 -8.25
C ILE A 196 -17.38 -5.95 -7.84
N LYS A 197 -18.02 -6.76 -8.67
CA LYS A 197 -19.35 -7.26 -8.35
C LYS A 197 -19.38 -8.09 -7.08
N GLY A 198 -20.11 -7.61 -6.09
CA GLY A 198 -20.36 -8.38 -4.88
C GLY A 198 -19.68 -7.75 -3.70
N LEU A 199 -18.86 -6.73 -3.97
CA LEU A 199 -17.98 -6.24 -2.93
C LEU A 199 -18.76 -5.49 -1.86
N GLU A 200 -18.54 -5.83 -0.60
CA GLU A 200 -19.18 -5.15 0.51
C GLU A 200 -18.51 -3.82 0.81
N GLU A 201 -19.26 -2.73 0.75
CA GLU A 201 -18.75 -1.43 1.14
C GLU A 201 -19.47 -0.95 2.37
N ILE A 202 -18.73 -0.72 3.45
CA ILE A 202 -19.30 -0.41 4.73
C ILE A 202 -19.20 1.08 5.10
N THR A 203 -20.34 1.66 5.46
CA THR A 203 -20.34 3.08 5.81
C THR A 203 -19.81 3.22 7.21
N VAL A 204 -18.92 4.18 7.40
CA VAL A 204 -18.30 4.33 8.69
C VAL A 204 -18.73 5.70 9.18
N HIS A 205 -19.51 5.70 10.25
CA HIS A 205 -20.28 6.87 10.69
C HIS A 205 -19.47 7.72 11.66
N ASN A 206 -18.69 7.07 12.51
CA ASN A 206 -17.78 7.76 13.43
C ASN A 206 -16.54 6.93 13.66
N LYS A 207 -15.48 7.57 14.13
CA LYS A 207 -14.23 6.93 14.50
C LYS A 207 -14.42 5.79 15.50
N ASP A 208 -15.63 5.63 16.01
CA ASP A 208 -15.85 4.59 17.01
C ASP A 208 -16.43 3.32 16.38
N GLU A 209 -16.73 3.41 15.08
CA GLU A 209 -17.07 2.22 14.34
C GLU A 209 -15.86 1.42 13.82
N VAL A 210 -14.66 2.01 13.88
CA VAL A 210 -13.51 1.54 13.09
C VAL A 210 -12.98 0.15 13.53
N TYR A 211 -12.51 0.05 14.76
CA TYR A 211 -11.90 -1.17 15.21
C TYR A 211 -12.76 -2.39 14.95
N GLN A 212 -14.07 -2.29 15.13
CA GLN A 212 -14.89 -3.50 15.04
C GLN A 212 -14.85 -4.00 13.59
N ILE A 213 -14.89 -3.06 12.65
CA ILE A 213 -14.88 -3.38 11.23
C ILE A 213 -13.57 -4.04 10.80
N LEU A 214 -12.46 -3.42 11.21
CA LEU A 214 -11.15 -4.00 11.07
C LEU A 214 -11.08 -5.39 11.68
N GLU A 215 -11.46 -5.52 12.94
CA GLU A 215 -11.40 -6.79 13.66
C GLU A 215 -12.12 -7.90 12.95
N LYS A 216 -13.29 -7.57 12.42
CA LYS A 216 -14.04 -8.50 11.59
C LYS A 216 -13.14 -8.99 10.45
N GLY A 217 -12.49 -8.04 9.77
CA GLY A 217 -11.69 -8.27 8.58
C GLY A 217 -10.48 -9.12 8.92
N ALA A 218 -9.77 -8.73 9.96
CA ALA A 218 -8.72 -9.57 10.48
C ALA A 218 -9.14 -11.01 10.80
N ALA A 219 -10.38 -11.26 11.19
CA ALA A 219 -10.70 -12.63 11.66
C ALA A 219 -10.98 -13.46 10.43
N LYS A 220 -11.56 -12.77 9.47
CA LYS A 220 -11.94 -13.39 8.23
C LYS A 220 -10.61 -13.72 7.51
N ARG A 221 -9.61 -12.85 7.66
CA ARG A 221 -8.29 -13.16 7.12
C ARG A 221 -7.53 -14.27 7.82
N THR A 222 -7.68 -14.37 9.14
CA THR A 222 -7.07 -15.51 9.83
C THR A 222 -7.60 -16.84 9.29
N THR A 223 -8.90 -16.92 9.02
CA THR A 223 -9.47 -18.18 8.57
C THR A 223 -8.86 -18.51 7.22
N ALA A 224 -8.72 -17.49 6.39
CA ALA A 224 -8.33 -17.76 5.01
C ALA A 224 -6.92 -18.33 4.96
N ALA A 225 -6.04 -17.78 5.78
CA ALA A 225 -4.69 -18.31 5.87
C ALA A 225 -4.66 -19.81 6.21
N THR A 226 -5.66 -20.29 6.93
CA THR A 226 -5.69 -21.70 7.26
C THR A 226 -6.32 -22.49 6.12
N LEU A 227 -6.95 -21.83 5.17
CA LEU A 227 -7.58 -22.56 4.07
C LEU A 227 -6.64 -22.73 2.89
N MET A 228 -5.71 -21.80 2.75
CA MET A 228 -4.93 -21.68 1.52
C MET A 228 -3.44 -21.71 1.79
N ASN A 229 -2.73 -22.51 1.00
CA ASN A 229 -1.30 -22.67 1.24
C ASN A 229 -0.53 -21.36 1.01
N ALA A 230 0.29 -21.00 1.97
CA ALA A 230 1.13 -19.78 1.94
C ALA A 230 0.36 -18.48 1.71
N TYR A 231 -0.82 -18.42 2.32
CA TYR A 231 -1.73 -17.32 2.04
C TYR A 231 -1.13 -15.95 2.31
N SER A 232 -0.48 -15.79 3.45
CA SER A 232 -0.15 -14.43 3.81
C SER A 232 0.90 -13.84 2.89
N SER A 233 1.85 -14.65 2.43
CA SER A 233 2.87 -14.16 1.48
C SER A 233 2.49 -14.23 0.02
N ARG A 234 1.58 -15.11 -0.38
CA ARG A 234 1.18 -15.07 -1.79
C ARG A 234 0.00 -14.14 -2.17
N SER A 235 -0.71 -13.57 -1.19
CA SER A 235 -1.88 -12.72 -1.49
C SER A 235 -1.59 -11.21 -1.59
N HIS A 236 -2.32 -10.52 -2.44
CA HIS A 236 -2.30 -9.05 -2.41
C HIS A 236 -3.53 -8.50 -1.68
N SER A 237 -3.35 -7.40 -1.00
CA SER A 237 -4.40 -6.92 -0.15
C SER A 237 -4.77 -5.51 -0.52
N VAL A 238 -6.02 -5.26 -0.82
CA VAL A 238 -6.44 -3.95 -1.28
C VAL A 238 -7.49 -3.35 -0.36
N PHE A 239 -7.06 -2.42 0.48
CA PHE A 239 -7.95 -1.61 1.27
C PHE A 239 -8.31 -0.29 0.60
N SER A 240 -9.60 -0.01 0.39
CA SER A 240 -10.01 1.29 -0.15
C SER A 240 -10.79 2.18 0.81
N VAL A 241 -10.63 3.48 0.68
CA VAL A 241 -11.44 4.40 1.44
C VAL A 241 -12.06 5.41 0.52
N THR A 242 -13.37 5.52 0.58
CA THR A 242 -14.06 6.47 -0.30
C THR A 242 -14.66 7.58 0.54
N ILE A 243 -14.51 8.80 0.04
CA ILE A 243 -15.07 9.96 0.73
C ILE A 243 -15.91 10.82 -0.16
N HIS A 244 -17.11 11.11 0.34
CA HIS A 244 -18.02 12.06 -0.28
C HIS A 244 -18.06 13.28 0.63
N MET A 245 -17.75 14.44 0.06
CA MET A 245 -17.84 15.72 0.78
C MET A 245 -18.77 16.68 0.07
N LYS A 246 -19.69 17.28 0.83
CA LYS A 246 -20.62 18.30 0.33
C LYS A 246 -19.96 19.67 0.42
N GLU A 247 -19.86 20.38 -0.71
CA GLU A 247 -19.41 21.78 -0.75
C GLU A 247 -20.41 22.72 -1.44
N THR A 248 -20.91 23.71 -0.70
CA THR A 248 -21.70 24.84 -1.26
C THR A 248 -20.74 25.95 -1.72
N THR A 249 -20.83 26.36 -2.98
CA THR A 249 -19.93 27.42 -3.47
C THR A 249 -20.30 28.81 -2.89
N ILE A 250 -19.60 29.86 -3.31
CA ILE A 250 -19.94 31.25 -2.92
C ILE A 250 -21.28 31.76 -3.47
N ASP A 251 -21.66 31.27 -4.66
CA ASP A 251 -22.98 31.41 -5.27
C ASP A 251 -24.11 30.81 -4.44
N GLY A 252 -23.79 29.74 -3.71
CA GLY A 252 -24.78 28.92 -3.00
C GLY A 252 -25.12 27.59 -3.66
N GLU A 253 -24.39 27.21 -4.71
CA GLU A 253 -24.54 25.89 -5.34
C GLU A 253 -23.88 24.75 -4.57
N GLU A 254 -24.62 23.65 -4.43
CA GLU A 254 -24.26 22.54 -3.58
C GLU A 254 -23.63 21.40 -4.40
N LEU A 255 -22.30 21.38 -4.48
CA LEU A 255 -21.60 20.36 -5.29
C LEU A 255 -20.82 19.33 -4.44
N VAL A 256 -20.92 18.07 -4.82
CA VAL A 256 -20.34 16.97 -4.04
C VAL A 256 -19.02 16.46 -4.65
N LYS A 257 -17.89 16.69 -3.98
CA LYS A 257 -16.60 16.14 -4.42
C LYS A 257 -16.20 14.82 -3.75
N ILE A 258 -15.63 13.91 -4.55
CA ILE A 258 -15.34 12.55 -4.13
C ILE A 258 -13.85 12.30 -4.18
N GLY A 259 -13.30 11.67 -3.14
CA GLY A 259 -11.88 11.33 -3.12
C GLY A 259 -11.66 9.89 -2.69
N LYS A 260 -10.76 9.18 -3.37
CA LYS A 260 -10.58 7.78 -3.01
C LYS A 260 -9.14 7.46 -2.66
N LEU A 261 -8.95 6.63 -1.64
CA LEU A 261 -7.61 6.21 -1.28
C LEU A 261 -7.47 4.70 -1.29
N ASN A 262 -6.64 4.15 -2.17
CA ASN A 262 -6.32 2.73 -2.10
C ASN A 262 -5.00 2.47 -1.40
N LEU A 263 -5.05 1.52 -0.48
CA LEU A 263 -3.90 1.10 0.27
C LEU A 263 -3.57 -0.36 -0.06
N VAL A 264 -2.51 -0.56 -0.83
CA VAL A 264 -2.19 -1.89 -1.30
C VAL A 264 -0.99 -2.49 -0.57
N ASP A 265 -1.17 -3.72 -0.08
CA ASP A 265 -0.10 -4.55 0.50
C ASP A 265 0.13 -5.74 -0.49
N LEU A 266 1.18 -5.64 -1.32
CA LEU A 266 1.44 -6.63 -2.36
C LEU A 266 1.93 -7.98 -1.86
N ALA A 267 1.84 -9.01 -2.69
CA ALA A 267 2.51 -10.27 -2.38
C ALA A 267 4.02 -10.03 -2.31
N GLY A 268 4.74 -10.88 -1.58
CA GLY A 268 6.20 -10.82 -1.47
C GLY A 268 6.88 -10.78 -2.82
N SER A 269 7.85 -9.89 -3.00
CA SER A 269 8.49 -9.75 -4.29
C SER A 269 9.31 -11.00 -4.62
N GLU A 270 9.64 -11.80 -3.62
CA GLU A 270 10.50 -12.95 -3.83
C GLU A 270 9.85 -14.00 -4.74
N ASN A 271 8.54 -14.19 -4.61
CA ASN A 271 7.78 -15.07 -5.54
C ASN A 271 8.03 -14.50 -6.95
N ILE A 272 8.34 -15.35 -7.94
CA ILE A 272 8.99 -14.91 -9.19
C ILE A 272 10.49 -14.65 -8.95
N ASN A 287 -1.12 -19.48 -12.27
CA ASN A 287 -2.03 -18.41 -11.81
C ASN A 287 -1.73 -17.91 -10.40
N ILE A 288 -1.00 -18.73 -9.65
CA ILE A 288 -0.56 -18.34 -8.31
C ILE A 288 0.24 -17.02 -8.26
N ASN A 289 0.98 -16.73 -9.34
CA ASN A 289 1.86 -15.56 -9.46
C ASN A 289 1.53 -14.52 -10.54
N GLN A 290 0.52 -14.80 -11.35
CA GLN A 290 0.02 -13.91 -12.40
C GLN A 290 0.07 -12.41 -12.12
N SER A 291 -0.35 -11.98 -10.93
CA SER A 291 -0.47 -10.58 -10.60
C SER A 291 0.87 -9.89 -10.41
N LEU A 292 1.72 -10.44 -9.55
CA LEU A 292 3.11 -9.99 -9.42
C LEU A 292 3.83 -9.96 -10.79
N LEU A 293 3.76 -11.04 -11.58
CA LEU A 293 4.34 -11.01 -12.91
C LEU A 293 3.90 -9.83 -13.73
N THR A 294 2.58 -9.69 -13.87
CA THR A 294 2.01 -8.74 -14.78
C THR A 294 2.30 -7.33 -14.29
N LEU A 295 2.39 -7.16 -12.97
CA LEU A 295 2.76 -5.85 -12.43
C LEU A 295 4.14 -5.44 -12.94
N GLY A 296 5.11 -6.35 -12.80
CA GLY A 296 6.41 -6.22 -13.43
C GLY A 296 6.33 -5.79 -14.88
N ARG A 297 5.56 -6.52 -15.69
CA ARG A 297 5.49 -6.21 -17.12
C ARG A 297 4.83 -4.87 -17.40
N VAL A 298 3.73 -4.59 -16.74
CA VAL A 298 3.09 -3.30 -16.82
C VAL A 298 4.08 -2.17 -16.51
N ILE A 299 4.82 -2.29 -15.41
CA ILE A 299 5.79 -1.25 -15.11
C ILE A 299 6.80 -1.09 -16.25
N THR A 300 7.36 -2.21 -16.67
CA THR A 300 8.33 -2.25 -17.78
C THR A 300 7.79 -1.52 -19.02
N ALA A 301 6.59 -1.91 -19.44
CA ALA A 301 6.02 -1.37 -20.64
C ALA A 301 5.82 0.12 -20.49
N LEU A 302 5.70 0.60 -19.26
CA LEU A 302 5.50 2.03 -19.07
C LEU A 302 6.81 2.81 -19.13
N VAL A 303 7.84 2.31 -18.46
CA VAL A 303 9.12 3.01 -18.43
C VAL A 303 9.78 2.95 -19.78
N GLU A 304 9.61 1.83 -20.49
CA GLU A 304 10.21 1.69 -21.80
C GLU A 304 9.26 2.18 -22.88
N ARG A 305 8.36 3.08 -22.50
CA ARG A 305 7.32 3.61 -23.38
C ARG A 305 6.86 2.68 -24.49
N THR A 306 6.56 1.43 -24.14
CA THR A 306 5.98 0.41 -25.04
C THR A 306 4.49 0.69 -25.28
N PRO A 307 3.96 0.36 -26.48
CA PRO A 307 2.49 0.46 -26.66
C PRO A 307 1.74 -0.79 -26.14
N HIS A 308 0.44 -0.65 -25.89
CA HIS A 308 -0.37 -1.76 -25.34
C HIS A 308 0.17 -2.42 -24.07
N VAL A 309 0.20 -1.63 -22.99
CA VAL A 309 0.49 -2.10 -21.64
C VAL A 309 -0.46 -3.22 -21.20
N PRO A 310 0.07 -4.36 -20.72
CA PRO A 310 -0.85 -5.49 -20.45
C PRO A 310 -1.68 -5.44 -19.14
N TYR A 311 -2.52 -4.42 -18.95
CA TYR A 311 -3.31 -4.25 -17.73
C TYR A 311 -4.27 -5.41 -17.59
N ARG A 312 -4.88 -5.79 -18.70
CA ARG A 312 -5.95 -6.79 -18.74
C ARG A 312 -5.49 -8.15 -18.24
N GLU A 313 -4.18 -8.37 -18.27
CA GLU A 313 -3.64 -9.69 -17.94
C GLU A 313 -3.57 -10.06 -16.45
N SER A 314 -4.04 -9.22 -15.54
CA SER A 314 -4.21 -9.69 -14.16
C SER A 314 -5.22 -8.88 -13.35
N LYS A 315 -5.78 -9.55 -12.34
CA LYS A 315 -6.71 -8.88 -11.46
C LYS A 315 -6.06 -7.65 -10.83
N LEU A 316 -4.84 -7.82 -10.36
CA LEU A 316 -4.20 -6.72 -9.67
C LEU A 316 -4.12 -5.52 -10.60
N THR A 317 -3.74 -5.77 -11.85
CA THR A 317 -3.35 -4.67 -12.70
C THR A 317 -4.59 -4.03 -13.30
N ARG A 318 -5.69 -4.78 -13.35
CA ARG A 318 -6.97 -4.22 -13.77
C ARG A 318 -7.43 -3.28 -12.70
N ILE A 319 -7.16 -3.65 -11.47
CA ILE A 319 -7.56 -2.82 -10.36
C ILE A 319 -6.70 -1.57 -10.26
N LEU A 320 -5.38 -1.77 -10.30
CA LEU A 320 -4.40 -0.70 -10.22
C LEU A 320 -4.20 0.14 -11.50
N GLN A 321 -4.97 -0.12 -12.56
CA GLN A 321 -4.62 0.41 -13.87
C GLN A 321 -4.54 1.94 -13.90
N ASP A 322 -5.54 2.60 -13.32
CA ASP A 322 -5.52 4.05 -13.23
C ASP A 322 -4.36 4.52 -12.33
N SER A 323 -3.80 3.67 -11.49
CA SER A 323 -2.78 4.18 -10.59
C SER A 323 -1.38 4.10 -11.19
N LEU A 324 -1.24 3.36 -12.28
CA LEU A 324 0.03 3.23 -12.98
C LEU A 324 -0.18 3.74 -14.39
N GLY A 325 0.17 5.00 -14.62
CA GLY A 325 -0.03 5.58 -15.94
C GLY A 325 -1.24 6.51 -16.03
N GLY A 326 -2.24 6.34 -15.16
CA GLY A 326 -3.51 7.06 -15.31
C GLY A 326 -3.70 8.33 -14.50
N ARG A 327 -4.96 8.65 -14.21
CA ARG A 327 -5.28 9.91 -13.52
C ARG A 327 -5.14 9.88 -11.98
N THR A 328 -4.74 8.75 -11.40
CA THR A 328 -4.50 8.62 -9.95
C THR A 328 -3.10 9.07 -9.46
N ARG A 329 -3.01 9.62 -8.27
CA ARG A 329 -1.71 10.04 -7.75
C ARG A 329 -1.17 8.91 -6.86
N THR A 330 0.00 8.38 -7.21
CA THR A 330 0.50 7.15 -6.62
C THR A 330 1.82 7.30 -5.87
N SER A 331 1.96 6.55 -4.78
CA SER A 331 3.26 6.41 -4.14
C SER A 331 3.58 4.95 -3.99
N ILE A 332 4.84 4.62 -3.74
CA ILE A 332 5.24 3.24 -3.55
C ILE A 332 6.19 3.19 -2.37
N ILE A 333 5.93 2.28 -1.45
CA ILE A 333 6.89 2.10 -0.39
C ILE A 333 7.62 0.79 -0.63
N ALA A 334 8.88 0.90 -1.02
CA ALA A 334 9.79 -0.23 -1.11
C ALA A 334 10.28 -0.60 0.26
N THR A 335 9.95 -1.79 0.74
CA THR A 335 10.51 -2.26 2.02
C THR A 335 11.71 -3.16 1.82
N ILE A 336 12.72 -3.07 2.67
CA ILE A 336 13.91 -3.93 2.61
C ILE A 336 14.41 -4.32 4.01
N SER A 337 15.27 -5.34 4.03
CA SER A 337 15.85 -5.86 5.26
C SER A 337 17.28 -5.39 5.24
N PRO A 338 17.87 -5.10 6.41
CA PRO A 338 19.25 -4.62 6.51
C PRO A 338 20.32 -5.73 6.50
N ALA A 339 19.93 -7.00 6.44
CA ALA A 339 20.93 -8.07 6.72
C ALA A 339 21.74 -8.54 5.51
N SER A 340 22.95 -9.04 5.77
CA SER A 340 23.87 -9.43 4.69
C SER A 340 23.25 -10.58 3.93
N LEU A 341 22.45 -11.39 4.61
CA LEU A 341 21.93 -12.57 3.93
C LEU A 341 20.93 -12.23 2.82
N ASN A 342 20.22 -11.12 2.93
CA ASN A 342 19.14 -10.80 2.00
C ASN A 342 19.57 -9.90 0.84
N LEU A 343 20.89 -9.77 0.67
CA LEU A 343 21.53 -8.90 -0.32
C LEU A 343 20.88 -8.93 -1.69
N GLU A 344 20.74 -10.13 -2.24
CA GLU A 344 20.31 -10.27 -3.62
C GLU A 344 18.91 -9.72 -3.75
N GLU A 345 18.01 -10.09 -2.83
CA GLU A 345 16.63 -9.56 -2.84
C GLU A 345 16.54 -8.08 -2.54
N THR A 346 17.39 -7.61 -1.63
CA THR A 346 17.45 -6.20 -1.32
C THR A 346 17.81 -5.40 -2.58
N LEU A 347 18.86 -5.80 -3.30
CA LEU A 347 19.17 -5.09 -4.56
C LEU A 347 18.06 -5.18 -5.56
N SER A 348 17.46 -6.35 -5.57
CA SER A 348 16.39 -6.55 -6.47
C SER A 348 15.25 -5.53 -6.20
N THR A 349 14.87 -5.36 -4.93
CA THR A 349 13.81 -4.44 -4.59
C THR A 349 14.19 -3.01 -4.95
N LEU A 350 15.39 -2.59 -4.55
CA LEU A 350 15.85 -1.25 -4.93
C LEU A 350 15.89 -1.03 -6.43
N GLU A 351 16.48 -1.94 -7.21
CA GLU A 351 16.50 -1.78 -8.67
C GLU A 351 15.08 -1.64 -9.23
N TYR A 352 14.13 -2.41 -8.74
CA TYR A 352 12.75 -2.37 -9.23
C TYR A 352 12.02 -1.13 -8.80
N ALA A 353 12.27 -0.71 -7.57
CA ALA A 353 11.64 0.50 -7.08
C ALA A 353 12.16 1.73 -7.80
N HIS A 354 13.48 1.94 -7.80
CA HIS A 354 14.10 3.03 -8.55
C HIS A 354 13.62 3.13 -10.00
N ARG A 355 13.50 2.00 -10.67
CA ARG A 355 13.01 1.96 -12.03
C ARG A 355 11.64 2.64 -12.12
N ALA A 356 10.78 2.42 -11.12
CA ALA A 356 9.41 2.93 -11.16
C ALA A 356 9.26 4.44 -11.01
N LYS A 357 10.30 5.13 -10.55
CA LYS A 357 10.30 6.57 -10.44
C LYS A 357 10.01 7.21 -11.78
N ASN A 358 10.27 6.46 -12.85
CA ASN A 358 10.08 6.94 -14.22
C ASN A 358 8.68 6.79 -14.78
N ILE A 359 7.74 6.41 -13.92
CA ILE A 359 6.35 6.34 -14.35
C ILE A 359 5.69 7.71 -14.14
N LEU A 360 5.06 8.23 -15.19
CA LEU A 360 4.37 9.51 -15.08
C LEU A 360 2.85 9.30 -15.17
N ASN A 361 2.12 9.68 -14.11
CA ASN A 361 0.66 9.76 -14.14
C ASN A 361 0.19 11.16 -14.55
N LYS A 362 -1.06 11.27 -14.99
CA LYS A 362 -1.71 12.58 -15.18
C LYS A 362 -2.83 12.78 -14.15
N PRO A 363 -2.46 13.12 -12.91
CA PRO A 363 -3.52 13.22 -11.92
C PRO A 363 -4.56 14.36 -12.15
N GLU A 364 -5.79 14.08 -11.75
CA GLU A 364 -6.98 14.87 -12.10
C GLU A 364 -8.07 14.62 -11.05
N VAL A 365 -8.79 15.68 -10.64
CA VAL A 365 -9.91 15.56 -9.69
C VAL A 365 -11.12 14.79 -10.26
N ASN A 366 -12.10 14.49 -9.42
CA ASN A 366 -13.36 13.88 -9.87
C ASN A 366 -14.49 14.91 -10.09
#